data_7GYI
#
_entry.id   7GYI
#
_cell.length_a   48.050
_cell.length_b   89.870
_cell.length_c   97.310
_cell.angle_alpha   90.000
_cell.angle_beta   90.000
_cell.angle_gamma   90.000
#
_symmetry.space_group_name_H-M   'P 21 21 21'
#
loop_
_entity.id
_entity.type
_entity.pdbx_description
1 polymer 'Heat shock 70 kDa protein 1A'
2 non-polymer 'PHOSPHATE ION'
3 non-polymer 1,2-ETHANEDIOL
4 non-polymer 8-bromoadenosine
5 non-polymer 'MAGNESIUM ION'
6 water water
#
_entity_poly.entity_id   1
_entity_poly.type   'polypeptide(L)'
_entity_poly.pdbx_seq_one_letter_code
;GPLGSMAKAAAIGIDLGTTYSCVGVFQHGKVEIIANDQGNRTTPSYVAFTDTERLIGDAAKNQVALNPQNTVFDAKRLIG
RKFGDPVVQSDMKHWPFQVINDGDKPKVQVSYKGETKAFYPEEISSMVLTKMKEIAEAYLGYPVTNAVITVPAYFNDSQR
QATKDAGVIAGLNVLRIINEPTAAAIAYGLDRTGKGERNVLIFDLGGGTFDVSILTIDDGIFEVKATAGDTHLGGEDFDN
RLVNHFVEEFKRKHKKDISQNKRAVRRLRTACERAKRTLSSSTQASLEIDSLFEGIDFYTSITRARFEELCSDLFRSTLE
PVEKALRDAKLDKAQIHDLVLVGGSTRIPKVQKLLQDFFNGRDLNKSINPDEAVAYGAAVQAAILIKSTRAAAS
;
_entity_poly.pdbx_strand_id   A
#
loop_
_chem_comp.id
_chem_comp.type
_chem_comp.name
_chem_comp.formula
EDO non-polymer 1,2-ETHANEDIOL 'C2 H6 O2'
GBA non-polymer 8-bromoadenosine 'C10 H12 Br N5 O4'
MG non-polymer 'MAGNESIUM ION' 'Mg 2'
PO4 non-polymer 'PHOSPHATE ION' 'O4 P -3'
#
# COMPACT_ATOMS: atom_id res chain seq x y z
N GLY A 4 -26.11 24.84 23.41
CA GLY A 4 -26.05 23.65 24.26
C GLY A 4 -24.79 22.84 24.01
N SER A 5 -24.77 22.10 22.90
CA SER A 5 -23.63 21.29 22.49
C SER A 5 -23.29 21.57 21.02
N MET A 6 -22.04 22.01 20.77
CA MET A 6 -21.51 22.33 19.44
C MET A 6 -21.31 21.05 18.64
N ALA A 7 -21.55 21.09 17.32
CA ALA A 7 -21.33 19.92 16.47
C ALA A 7 -19.88 19.53 16.50
N LYS A 8 -19.65 18.23 16.51
CA LYS A 8 -18.33 17.61 16.57
C LYS A 8 -17.74 17.49 15.19
N ALA A 9 -16.42 17.69 15.09
CA ALA A 9 -15.70 17.51 13.85
C ALA A 9 -15.77 16.01 13.52
N ALA A 10 -15.72 15.69 12.23
CA ALA A 10 -15.70 14.32 11.77
C ALA A 10 -14.34 13.70 12.11
N ALA A 11 -14.32 12.39 12.41
CA ALA A 11 -13.09 11.64 12.66
C ALA A 11 -12.68 11.01 11.31
N ILE A 12 -11.38 10.80 11.09
CA ILE A 12 -10.91 10.25 9.82
C ILE A 12 -10.32 8.85 9.94
N GLY A 13 -10.24 8.13 8.83
CA GLY A 13 -9.65 6.81 8.82
C GLY A 13 -8.44 6.86 7.92
N ILE A 14 -7.26 6.49 8.44
CA ILE A 14 -6.02 6.54 7.63
C ILE A 14 -5.45 5.17 7.41
N ASP A 15 -5.17 4.82 6.15
CA ASP A 15 -4.46 3.60 5.79
C ASP A 15 -3.01 4.10 5.63
N LEU A 16 -2.15 3.83 6.59
CA LEU A 16 -0.75 4.27 6.55
C LEU A 16 0.00 3.11 5.93
N GLY A 17 0.19 3.19 4.62
CA GLY A 17 0.77 2.11 3.86
C GLY A 17 2.27 2.24 3.70
N THR A 18 2.89 1.12 3.30
CA THR A 18 4.33 1.02 3.09
C THR A 18 4.74 1.94 1.95
N THR A 19 4.00 1.87 0.83
CA THR A 19 4.33 2.66 -0.36
C THR A 19 3.36 3.85 -0.58
N TYR A 20 2.05 3.64 -0.29
CA TYR A 20 1.00 4.65 -0.49
C TYR A 20 0.10 4.71 0.70
N SER A 21 -0.40 5.90 1.04
CA SER A 21 -1.32 6.12 2.16
C SER A 21 -2.64 6.67 1.59
N CYS A 22 -3.74 6.48 2.29
CA CYS A 22 -5.09 6.86 1.83
C CYS A 22 -5.90 7.36 3.03
N VAL A 23 -6.73 8.40 2.85
CA VAL A 23 -7.55 8.94 3.95
C VAL A 23 -9.03 9.02 3.54
N GLY A 24 -9.91 8.66 4.46
CA GLY A 24 -11.36 8.71 4.24
C GLY A 24 -12.11 9.29 5.43
N VAL A 25 -13.36 9.68 5.19
CA VAL A 25 -14.23 10.20 6.26
C VAL A 25 -15.64 9.67 5.98
N PHE A 26 -16.33 9.23 7.03
CA PHE A 26 -17.71 8.74 6.93
C PHE A 26 -18.63 9.91 7.31
N GLN A 27 -19.46 10.35 6.37
CA GLN A 27 -20.41 11.44 6.55
C GLN A 27 -21.64 11.18 5.69
N HIS A 28 -22.84 11.61 6.14
CA HIS A 28 -24.11 11.46 5.40
C HIS A 28 -24.35 9.97 4.96
N GLY A 29 -24.12 9.05 5.90
CA GLY A 29 -24.28 7.60 5.70
C GLY A 29 -23.35 6.95 4.70
N LYS A 30 -22.24 7.63 4.29
CA LYS A 30 -21.31 7.09 3.29
C LYS A 30 -19.85 7.51 3.51
N VAL A 31 -18.89 6.76 2.92
CA VAL A 31 -17.48 7.10 3.04
C VAL A 31 -17.08 7.90 1.80
N GLU A 32 -16.29 8.95 2.02
CA GLU A 32 -15.66 9.75 0.99
C GLU A 32 -14.16 9.52 1.16
N ILE A 33 -13.50 9.01 0.11
CA ILE A 33 -12.05 8.86 0.09
C ILE A 33 -11.62 10.24 -0.42
N ILE A 34 -10.70 10.89 0.31
CA ILE A 34 -10.32 12.26 0.00
C ILE A 34 -9.09 12.36 -0.89
N ALA A 35 -9.24 13.02 -2.06
CA ALA A 35 -8.14 13.24 -3.00
C ALA A 35 -7.25 14.37 -2.48
N ASN A 36 -5.93 14.28 -2.69
CA ASN A 36 -5.01 15.34 -2.27
C ASN A 36 -5.07 16.54 -3.27
N ASP A 37 -4.20 17.58 -3.09
CA ASP A 37 -4.24 18.77 -3.96
C ASP A 37 -3.75 18.53 -5.41
N GLN A 38 -3.28 17.32 -5.74
CA GLN A 38 -2.91 17.05 -7.12
C GLN A 38 -3.98 16.13 -7.76
N GLY A 39 -5.09 15.92 -7.04
CA GLY A 39 -6.23 15.11 -7.49
C GLY A 39 -6.06 13.61 -7.31
N ASN A 40 -5.07 13.19 -6.52
CA ASN A 40 -4.83 11.77 -6.27
C ASN A 40 -5.50 11.25 -5.01
N ARG A 41 -6.21 10.12 -5.15
CA ARG A 41 -6.93 9.44 -4.05
C ARG A 41 -6.04 8.65 -3.10
N THR A 42 -4.79 8.40 -3.51
CA THR A 42 -3.77 7.80 -2.66
C THR A 42 -2.54 8.72 -2.77
N THR A 43 -1.74 8.78 -1.70
CA THR A 43 -0.56 9.67 -1.61
C THR A 43 0.68 8.84 -1.31
N PRO A 44 1.80 9.00 -2.06
CA PRO A 44 3.00 8.19 -1.77
C PRO A 44 3.52 8.41 -0.36
N SER A 45 3.92 7.32 0.36
CA SER A 45 4.45 7.46 1.73
C SER A 45 5.96 7.82 1.64
N TYR A 46 6.26 8.99 1.05
CA TYR A 46 7.63 9.47 0.76
C TYR A 46 7.85 10.81 1.41
N VAL A 47 9.04 11.02 1.97
CA VAL A 47 9.43 12.30 2.57
C VAL A 47 10.81 12.65 1.97
N ALA A 48 10.95 13.82 1.40
CA ALA A 48 12.21 14.26 0.79
C ALA A 48 12.77 15.47 1.58
N PHE A 49 14.10 15.57 1.64
CA PHE A 49 14.78 16.67 2.32
C PHE A 49 15.76 17.36 1.41
N THR A 50 15.74 18.71 1.39
CA THR A 50 16.63 19.54 0.57
C THR A 50 17.25 20.63 1.47
N ASP A 51 17.99 21.58 0.88
CA ASP A 51 18.57 22.68 1.67
C ASP A 51 17.48 23.69 2.10
N THR A 52 16.37 23.77 1.35
CA THR A 52 15.32 24.77 1.58
C THR A 52 13.96 24.23 2.03
N GLU A 53 13.63 22.95 1.74
CA GLU A 53 12.29 22.41 2.03
C GLU A 53 12.29 20.99 2.47
N ARG A 54 11.14 20.58 3.05
CA ARG A 54 10.83 19.19 3.36
C ARG A 54 9.56 18.95 2.50
N LEU A 55 9.60 17.97 1.61
CA LEU A 55 8.48 17.67 0.71
C LEU A 55 7.89 16.34 1.13
N ILE A 56 6.56 16.21 1.07
CA ILE A 56 5.87 15.00 1.50
C ILE A 56 4.83 14.59 0.44
N GLY A 57 4.80 13.29 0.13
CA GLY A 57 3.83 12.73 -0.82
C GLY A 57 4.28 12.79 -2.26
N ASP A 58 3.39 13.24 -3.17
CA ASP A 58 3.66 13.33 -4.61
C ASP A 58 4.86 14.22 -4.90
N ALA A 59 5.02 15.35 -4.17
CA ALA A 59 6.17 16.26 -4.38
C ALA A 59 7.49 15.57 -4.06
N ALA A 60 7.51 14.67 -3.07
CA ALA A 60 8.71 13.91 -2.69
C ALA A 60 9.01 12.82 -3.72
N LYS A 61 7.98 12.08 -4.14
CA LYS A 61 8.16 11.00 -5.10
C LYS A 61 8.57 11.53 -6.47
N ASN A 62 8.09 12.71 -6.89
CA ASN A 62 8.41 13.26 -8.23
C ASN A 62 9.86 13.79 -8.40
N GLN A 63 10.65 13.93 -7.32
CA GLN A 63 12.04 14.40 -7.40
C GLN A 63 13.05 13.33 -6.92
N VAL A 64 12.56 12.11 -6.66
CA VAL A 64 13.36 10.98 -6.14
C VAL A 64 14.60 10.62 -7.01
N ALA A 65 14.48 10.73 -8.35
CA ALA A 65 15.52 10.35 -9.31
C ALA A 65 16.83 11.11 -9.13
N LEU A 66 16.75 12.41 -8.84
CA LEU A 66 17.96 13.19 -8.69
C LEU A 66 18.35 13.41 -7.23
N ASN A 67 17.47 13.02 -6.27
CA ASN A 67 17.74 13.14 -4.84
C ASN A 67 17.55 11.78 -4.13
N PRO A 68 18.21 10.67 -4.57
CA PRO A 68 17.94 9.36 -3.94
C PRO A 68 18.42 9.22 -2.49
N GLN A 69 19.52 9.90 -2.12
CA GLN A 69 20.07 9.78 -0.75
C GLN A 69 19.24 10.49 0.32
N ASN A 70 18.50 11.53 -0.06
CA ASN A 70 17.72 12.35 0.90
C ASN A 70 16.20 12.23 0.73
N THR A 71 15.72 11.15 0.07
CA THR A 71 14.28 10.87 -0.10
C THR A 71 14.01 9.53 0.60
N VAL A 72 13.20 9.58 1.65
CA VAL A 72 12.93 8.41 2.47
C VAL A 72 11.59 7.81 2.09
N PHE A 73 11.54 6.49 1.99
CA PHE A 73 10.34 5.70 1.67
C PHE A 73 10.48 4.39 2.47
N ASP A 74 9.42 3.57 2.57
CA ASP A 74 9.48 2.26 3.29
C ASP A 74 9.76 2.34 4.82
N ALA A 75 9.45 3.48 5.49
CA ALA A 75 9.66 3.62 6.94
C ALA A 75 8.88 2.60 7.72
N LYS A 76 7.77 2.10 7.14
CA LYS A 76 6.93 1.09 7.77
C LYS A 76 7.69 -0.23 7.94
N ARG A 77 8.70 -0.49 7.08
CA ARG A 77 9.50 -1.72 7.22
C ARG A 77 10.48 -1.60 8.39
N LEU A 78 10.70 -0.38 8.90
CA LEU A 78 11.62 -0.14 10.02
C LEU A 78 10.93 0.11 11.36
N ILE A 79 9.67 0.57 11.34
CA ILE A 79 8.93 0.96 12.54
C ILE A 79 8.84 -0.19 13.57
N GLY A 80 9.19 0.15 14.81
CA GLY A 80 9.19 -0.75 15.96
C GLY A 80 10.13 -1.95 15.91
N ARG A 81 11.12 -1.94 15.00
CA ARG A 81 12.08 -3.04 14.86
C ARG A 81 13.46 -2.63 15.42
N LYS A 82 14.31 -3.62 15.76
CA LYS A 82 15.68 -3.35 16.27
C LYS A 82 16.62 -3.29 15.08
N PHE A 83 17.72 -2.52 15.17
CA PHE A 83 18.69 -2.37 14.07
C PHE A 83 19.32 -3.70 13.64
N GLY A 84 19.54 -4.59 14.58
CA GLY A 84 20.15 -5.90 14.35
C GLY A 84 19.25 -6.95 13.69
N ASP A 85 17.91 -6.75 13.75
CA ASP A 85 16.87 -7.62 13.16
C ASP A 85 17.28 -8.06 11.73
N PRO A 86 17.22 -9.37 11.38
CA PRO A 86 17.65 -9.79 10.02
C PRO A 86 16.83 -9.19 8.88
N VAL A 87 15.55 -8.85 9.14
CA VAL A 87 14.66 -8.19 8.16
C VAL A 87 15.26 -6.82 7.77
N VAL A 88 15.62 -6.00 8.80
CA VAL A 88 16.24 -4.67 8.65
C VAL A 88 17.56 -4.73 7.85
N GLN A 89 18.48 -5.59 8.26
CA GLN A 89 19.79 -5.75 7.61
C GLN A 89 19.71 -6.09 6.11
N SER A 90 18.75 -6.95 5.74
CA SER A 90 18.54 -7.35 4.34
C SER A 90 17.98 -6.19 3.52
N ASP A 91 16.98 -5.47 4.07
CA ASP A 91 16.29 -4.33 3.43
C ASP A 91 17.21 -3.15 3.17
N MET A 92 18.17 -2.86 4.06
CA MET A 92 19.14 -1.77 3.95
C MET A 92 20.00 -1.82 2.68
N LYS A 93 20.19 -3.03 2.10
CA LYS A 93 20.99 -3.22 0.89
C LYS A 93 20.25 -2.68 -0.35
N HIS A 94 18.92 -2.61 -0.29
CA HIS A 94 18.06 -2.13 -1.37
C HIS A 94 17.78 -0.62 -1.32
N TRP A 95 18.06 0.04 -0.18
CA TRP A 95 17.74 1.46 0.00
C TRP A 95 18.89 2.41 -0.30
N PRO A 96 18.67 3.49 -1.07
CA PRO A 96 19.75 4.43 -1.34
C PRO A 96 20.01 5.42 -0.19
N PHE A 97 19.07 5.54 0.77
CA PHE A 97 19.25 6.40 1.93
C PHE A 97 19.99 5.64 3.05
N GLN A 98 20.65 6.38 3.94
CA GLN A 98 21.43 5.81 5.04
C GLN A 98 20.55 5.50 6.23
N VAL A 99 20.71 4.28 6.76
CA VAL A 99 20.05 3.79 7.96
C VAL A 99 21.19 3.56 8.95
N ILE A 100 21.14 4.25 10.11
CA ILE A 100 22.19 4.15 11.14
C ILE A 100 21.66 3.46 12.41
N ASN A 101 22.59 3.04 13.26
CA ASN A 101 22.31 2.36 14.51
C ASN A 101 22.43 3.31 15.71
N ASP A 102 21.31 3.59 16.41
N ASP A 102 21.31 3.59 16.41
CA ASP A 102 21.34 4.40 17.63
CA ASP A 102 21.30 4.42 17.62
C ASP A 102 20.72 3.58 18.76
C ASP A 102 20.71 3.59 18.77
N GLY A 103 21.57 2.99 19.59
CA GLY A 103 21.16 2.12 20.70
C GLY A 103 20.38 0.89 20.24
N ASP A 104 20.79 0.26 19.10
CA ASP A 104 20.13 -0.90 18.47
C ASP A 104 18.72 -0.55 17.93
N LYS A 105 18.49 0.74 17.63
CA LYS A 105 17.27 1.23 17.01
C LYS A 105 17.66 1.88 15.69
N PRO A 106 16.97 1.55 14.59
CA PRO A 106 17.34 2.18 13.31
C PRO A 106 16.87 3.62 13.23
N LYS A 107 17.67 4.46 12.54
CA LYS A 107 17.34 5.86 12.30
C LYS A 107 17.76 6.12 10.87
N VAL A 108 17.04 6.99 10.14
CA VAL A 108 17.41 7.35 8.77
C VAL A 108 18.18 8.66 8.86
N GLN A 109 19.29 8.75 8.15
CA GLN A 109 20.15 9.92 8.21
C GLN A 109 20.20 10.62 6.87
N VAL A 110 19.88 11.92 6.85
CA VAL A 110 19.80 12.72 5.61
C VAL A 110 20.46 14.08 5.76
N SER A 111 20.66 14.80 4.62
CA SER A 111 21.10 16.19 4.59
C SER A 111 19.81 17.00 4.50
N TYR A 112 19.64 17.95 5.43
CA TYR A 112 18.43 18.73 5.51
C TYR A 112 18.74 20.14 6.05
N LYS A 113 18.44 21.14 5.24
CA LYS A 113 18.64 22.56 5.60
C LYS A 113 20.06 22.90 6.10
N GLY A 114 21.06 22.36 5.41
CA GLY A 114 22.46 22.62 5.72
C GLY A 114 23.12 21.73 6.76
N GLU A 115 22.34 20.81 7.38
CA GLU A 115 22.85 19.91 8.43
C GLU A 115 22.54 18.44 8.13
N THR A 116 23.29 17.54 8.77
CA THR A 116 23.09 16.09 8.76
C THR A 116 22.08 15.85 9.91
N LYS A 117 20.92 15.28 9.59
CA LYS A 117 19.86 15.03 10.55
C LYS A 117 19.45 13.56 10.49
N ALA A 118 19.27 12.94 11.66
CA ALA A 118 18.81 11.56 11.76
C ALA A 118 17.42 11.58 12.36
N PHE A 119 16.52 10.72 11.83
CA PHE A 119 15.13 10.62 12.29
C PHE A 119 14.75 9.18 12.62
N TYR A 120 13.96 8.97 13.69
CA TYR A 120 13.41 7.65 14.00
C TYR A 120 12.34 7.34 12.94
N PRO A 121 12.06 6.04 12.65
CA PRO A 121 11.00 5.71 11.66
C PRO A 121 9.61 6.29 12.02
N GLU A 122 9.29 6.45 13.33
CA GLU A 122 8.02 7.05 13.78
C GLU A 122 7.94 8.52 13.46
N GLU A 123 9.09 9.21 13.44
CA GLU A 123 9.15 10.62 13.06
C GLU A 123 8.86 10.76 11.57
N ILE A 124 9.40 9.87 10.69
CA ILE A 124 9.10 9.90 9.24
C ILE A 124 7.59 9.63 9.00
N SER A 125 7.04 8.61 9.69
CA SER A 125 5.62 8.23 9.60
C SER A 125 4.70 9.37 10.09
N SER A 126 5.15 10.17 11.09
CA SER A 126 4.38 11.30 11.60
C SER A 126 4.28 12.37 10.51
N MET A 127 5.34 12.54 9.67
CA MET A 127 5.35 13.50 8.56
C MET A 127 4.34 13.05 7.49
N VAL A 128 4.24 11.75 7.25
CA VAL A 128 3.22 11.21 6.32
C VAL A 128 1.79 11.43 6.91
N LEU A 129 1.62 11.17 8.23
CA LEU A 129 0.33 11.39 8.89
C LEU A 129 -0.08 12.87 8.92
N THR A 130 0.90 13.78 9.06
CA THR A 130 0.63 15.25 9.01
C THR A 130 0.02 15.63 7.64
N LYS A 131 0.57 15.08 6.54
CA LYS A 131 0.07 15.32 5.18
C LYS A 131 -1.37 14.75 5.03
N MET A 132 -1.65 13.54 5.55
CA MET A 132 -3.01 12.96 5.45
C MET A 132 -4.04 13.78 6.25
N LYS A 133 -3.63 14.34 7.40
CA LYS A 133 -4.47 15.23 8.24
C LYS A 133 -4.80 16.53 7.44
N GLU A 134 -3.79 17.17 6.82
CA GLU A 134 -3.96 18.39 5.99
C GLU A 134 -4.84 18.16 4.75
N ILE A 135 -4.73 16.99 4.10
CA ILE A 135 -5.59 16.57 2.97
C ILE A 135 -7.08 16.57 3.44
N ALA A 136 -7.35 15.94 4.59
CA ALA A 136 -8.70 15.86 5.18
C ALA A 136 -9.24 17.23 5.57
N GLU A 137 -8.41 18.06 6.22
CA GLU A 137 -8.81 19.40 6.65
C GLU A 137 -9.07 20.32 5.44
N ALA A 138 -8.38 20.09 4.29
CA ALA A 138 -8.61 20.88 3.06
C ALA A 138 -10.05 20.59 2.54
N TYR A 139 -10.49 19.33 2.63
CA TYR A 139 -11.84 18.92 2.20
C TYR A 139 -12.92 19.36 3.23
N LEU A 140 -12.70 19.09 4.53
CA LEU A 140 -13.70 19.40 5.56
C LEU A 140 -13.85 20.89 5.83
N GLY A 141 -12.75 21.61 5.72
CA GLY A 141 -12.75 23.05 5.93
C GLY A 141 -12.66 23.42 7.39
N TYR A 142 -12.17 22.51 8.23
CA TYR A 142 -11.97 22.74 9.66
C TYR A 142 -10.88 21.81 10.21
N PRO A 143 -10.26 22.10 11.38
CA PRO A 143 -9.21 21.20 11.90
C PRO A 143 -9.74 19.83 12.34
N VAL A 144 -8.97 18.79 12.04
CA VAL A 144 -9.25 17.39 12.35
C VAL A 144 -8.35 16.98 13.53
N THR A 145 -8.91 16.29 14.52
CA THR A 145 -8.22 15.85 15.75
C THR A 145 -8.19 14.30 15.85
N ASN A 146 -9.32 13.64 15.57
CA ASN A 146 -9.52 12.21 15.79
C ASN A 146 -9.32 11.34 14.56
N ALA A 147 -8.59 10.21 14.73
CA ALA A 147 -8.30 9.27 13.64
C ALA A 147 -8.12 7.82 14.09
N VAL A 148 -8.50 6.89 13.20
CA VAL A 148 -8.21 5.46 13.36
C VAL A 148 -7.07 5.20 12.37
N ILE A 149 -6.02 4.51 12.82
CA ILE A 149 -4.92 4.22 11.88
C ILE A 149 -4.82 2.71 11.79
N THR A 150 -4.57 2.20 10.60
CA THR A 150 -4.47 0.74 10.43
C THR A 150 -3.04 0.24 10.38
N VAL A 151 -2.84 -1.05 10.74
CA VAL A 151 -1.54 -1.73 10.70
C VAL A 151 -1.67 -3.16 10.14
N PRO A 152 -0.58 -3.81 9.66
CA PRO A 152 -0.71 -5.23 9.27
C PRO A 152 -1.04 -6.07 10.52
N ALA A 153 -1.81 -7.16 10.34
CA ALA A 153 -2.21 -8.10 11.40
C ALA A 153 -1.01 -8.75 12.11
N TYR A 154 0.13 -8.91 11.40
CA TYR A 154 1.33 -9.49 11.99
C TYR A 154 2.12 -8.51 12.89
N PHE A 155 1.75 -7.21 12.95
CA PHE A 155 2.45 -6.23 13.81
C PHE A 155 2.36 -6.63 15.29
N ASN A 156 3.51 -6.59 15.99
CA ASN A 156 3.60 -6.90 17.43
C ASN A 156 3.27 -5.63 18.22
N ASP A 157 3.33 -5.69 19.55
CA ASP A 157 3.05 -4.57 20.46
C ASP A 157 3.98 -3.35 20.25
N SER A 158 5.28 -3.58 20.06
CA SER A 158 6.28 -2.52 19.84
C SER A 158 5.96 -1.76 18.53
N GLN A 159 5.61 -2.50 17.47
CA GLN A 159 5.26 -1.92 16.17
C GLN A 159 3.95 -1.12 16.27
N ARG A 160 2.97 -1.63 17.05
CA ARG A 160 1.69 -0.95 17.29
C ARG A 160 1.86 0.34 18.12
N GLN A 161 2.67 0.28 19.18
CA GLN A 161 2.98 1.46 20.02
C GLN A 161 3.72 2.55 19.19
N ALA A 162 4.70 2.15 18.35
CA ALA A 162 5.43 3.11 17.52
C ALA A 162 4.48 3.80 16.51
N THR A 163 3.50 3.05 15.98
CA THR A 163 2.49 3.65 15.10
C THR A 163 1.67 4.71 15.87
N LYS A 164 1.23 4.39 17.10
CA LYS A 164 0.50 5.34 17.99
C LYS A 164 1.34 6.61 18.23
N ASP A 165 2.66 6.41 18.52
CA ASP A 165 3.65 7.48 18.76
C ASP A 165 3.74 8.41 17.54
N ALA A 166 3.74 7.84 16.32
CA ALA A 166 3.75 8.62 15.07
C ALA A 166 2.49 9.53 15.01
N GLY A 167 1.35 8.96 15.40
CA GLY A 167 0.08 9.67 15.44
C GLY A 167 0.09 10.84 16.41
N VAL A 168 0.64 10.63 17.65
CA VAL A 168 0.77 11.68 18.68
C VAL A 168 1.70 12.80 18.20
N ILE A 169 2.85 12.44 17.56
CA ILE A 169 3.79 13.46 17.01
C ILE A 169 3.07 14.31 15.96
N ALA A 170 2.25 13.70 15.09
CA ALA A 170 1.49 14.43 14.06
C ALA A 170 0.32 15.29 14.65
N GLY A 171 0.09 15.26 15.95
CA GLY A 171 -1.00 16.03 16.57
C GLY A 171 -2.36 15.37 16.43
N LEU A 172 -2.37 14.06 16.18
CA LEU A 172 -3.63 13.33 16.09
C LEU A 172 -3.92 12.65 17.40
N ASN A 173 -5.20 12.55 17.75
CA ASN A 173 -5.65 11.72 18.85
C ASN A 173 -5.94 10.36 18.19
N VAL A 174 -5.16 9.33 18.52
CA VAL A 174 -5.38 8.02 17.92
C VAL A 174 -6.48 7.29 18.67
N LEU A 175 -7.65 7.14 18.02
CA LEU A 175 -8.82 6.47 18.59
C LEU A 175 -8.55 5.01 18.79
N ARG A 176 -7.87 4.38 17.80
CA ARG A 176 -7.59 2.96 17.83
C ARG A 176 -6.64 2.60 16.74
N ILE A 177 -5.80 1.56 16.99
CA ILE A 177 -4.95 0.96 15.93
C ILE A 177 -5.75 -0.30 15.48
N ILE A 178 -6.13 -0.42 14.19
CA ILE A 178 -6.90 -1.61 13.79
C ILE A 178 -6.16 -2.39 12.70
N ASN A 179 -6.35 -3.71 12.65
CA ASN A 179 -5.73 -4.53 11.61
C ASN A 179 -6.25 -4.23 10.21
N GLU A 180 -5.34 -4.09 9.22
CA GLU A 180 -5.69 -3.86 7.82
C GLU A 180 -6.75 -4.87 7.32
N PRO A 181 -6.61 -6.23 7.51
CA PRO A 181 -7.69 -7.13 7.02
C PRO A 181 -9.03 -6.94 7.71
N THR A 182 -9.04 -6.52 8.99
CA THR A 182 -10.28 -6.22 9.71
C THR A 182 -10.94 -4.98 9.08
N ALA A 183 -10.15 -3.92 8.81
CA ALA A 183 -10.66 -2.70 8.17
C ALA A 183 -11.27 -3.05 6.79
N ALA A 184 -10.59 -3.89 5.99
CA ALA A 184 -11.14 -4.28 4.67
C ALA A 184 -12.49 -5.01 4.82
N ALA A 185 -12.65 -5.86 5.85
CA ALA A 185 -13.93 -6.58 6.12
C ALA A 185 -15.03 -5.63 6.54
N ILE A 186 -14.70 -4.66 7.41
CA ILE A 186 -15.63 -3.62 7.88
C ILE A 186 -16.14 -2.79 6.69
N ALA A 187 -15.24 -2.50 5.71
CA ALA A 187 -15.59 -1.73 4.50
C ALA A 187 -16.78 -2.38 3.78
N TYR A 188 -16.82 -3.72 3.75
CA TYR A 188 -17.93 -4.42 3.09
C TYR A 188 -19.14 -4.72 4.01
N GLY A 189 -19.06 -4.32 5.27
CA GLY A 189 -20.10 -4.53 6.27
C GLY A 189 -20.20 -5.98 6.67
N LEU A 190 -19.09 -6.72 6.59
CA LEU A 190 -19.05 -8.15 6.89
C LEU A 190 -19.20 -8.45 8.38
N ASP A 191 -19.22 -7.40 9.22
CA ASP A 191 -19.44 -7.50 10.66
C ASP A 191 -20.90 -7.10 11.02
N ARG A 192 -21.75 -6.83 10.02
CA ARG A 192 -23.14 -6.41 10.22
C ARG A 192 -24.12 -7.43 9.66
N THR A 193 -23.71 -8.68 9.47
CA THR A 193 -24.60 -9.69 8.87
C THR A 193 -25.41 -10.49 9.93
N GLY A 194 -25.37 -10.07 11.19
CA GLY A 194 -26.13 -10.70 12.26
C GLY A 194 -25.45 -11.88 12.96
N LYS A 195 -26.26 -12.77 13.57
CA LYS A 195 -25.78 -13.95 14.30
C LYS A 195 -25.28 -15.08 13.38
N GLY A 196 -24.26 -15.79 13.83
CA GLY A 196 -23.65 -16.91 13.11
C GLY A 196 -22.23 -16.62 12.67
N GLU A 197 -21.37 -17.65 12.66
CA GLU A 197 -19.97 -17.52 12.27
C GLU A 197 -19.79 -17.44 10.75
N ARG A 198 -18.97 -16.49 10.29
CA ARG A 198 -18.60 -16.32 8.88
C ARG A 198 -17.08 -16.36 8.77
N ASN A 199 -16.56 -17.04 7.75
CA ASN A 199 -15.13 -17.11 7.49
C ASN A 199 -14.84 -16.21 6.29
N VAL A 200 -13.91 -15.28 6.45
CA VAL A 200 -13.54 -14.29 5.43
C VAL A 200 -12.05 -14.44 5.10
N LEU A 201 -11.72 -14.45 3.79
CA LEU A 201 -10.33 -14.48 3.36
C LEU A 201 -10.04 -13.12 2.74
N ILE A 202 -8.97 -12.44 3.20
CA ILE A 202 -8.56 -11.16 2.62
C ILE A 202 -7.30 -11.47 1.80
N PHE A 203 -7.29 -11.04 0.54
CA PHE A 203 -6.19 -11.31 -0.39
C PHE A 203 -5.61 -9.95 -0.71
N ASP A 204 -4.44 -9.63 -0.12
CA ASP A 204 -3.80 -8.32 -0.18
C ASP A 204 -2.50 -8.34 -0.97
N LEU A 205 -2.55 -7.88 -2.23
CA LEU A 205 -1.36 -7.90 -3.09
C LEU A 205 -0.88 -6.47 -3.32
N GLY A 206 0.22 -6.09 -2.63
CA GLY A 206 0.78 -4.75 -2.67
C GLY A 206 1.83 -4.49 -3.73
N GLY A 207 2.61 -3.43 -3.53
CA GLY A 207 3.70 -3.02 -4.40
C GLY A 207 4.93 -3.87 -4.20
N GLY A 208 5.15 -4.31 -2.96
CA GLY A 208 6.32 -5.11 -2.60
C GLY A 208 6.06 -6.39 -1.83
N THR A 209 4.86 -6.56 -1.26
CA THR A 209 4.55 -7.75 -0.47
C THR A 209 3.15 -8.27 -0.74
N PHE A 210 2.93 -9.53 -0.39
CA PHE A 210 1.67 -10.23 -0.53
C PHE A 210 1.25 -10.78 0.84
N ASP A 211 0.01 -10.52 1.28
CA ASP A 211 -0.50 -11.02 2.56
C ASP A 211 -1.90 -11.58 2.34
N VAL A 212 -2.13 -12.74 2.96
CA VAL A 212 -3.42 -13.43 2.99
C VAL A 212 -3.77 -13.55 4.48
N SER A 213 -5.01 -13.25 4.83
CA SER A 213 -5.48 -13.40 6.22
C SER A 213 -6.81 -14.10 6.20
N ILE A 214 -7.04 -14.96 7.19
CA ILE A 214 -8.33 -15.62 7.37
C ILE A 214 -8.89 -15.10 8.70
N LEU A 215 -10.10 -14.50 8.66
CA LEU A 215 -10.76 -13.96 9.85
C LEU A 215 -12.06 -14.70 10.07
N THR A 216 -12.46 -14.83 11.31
CA THR A 216 -13.76 -15.33 11.67
C THR A 216 -14.52 -14.15 12.27
N ILE A 217 -15.80 -14.03 11.91
CA ILE A 217 -16.68 -12.97 12.40
C ILE A 217 -17.92 -13.62 12.99
N ASP A 218 -18.20 -13.36 14.28
CA ASP A 218 -19.36 -13.88 15.03
C ASP A 218 -19.91 -12.73 15.83
N ASP A 219 -21.17 -12.32 15.56
CA ASP A 219 -21.86 -11.20 16.23
C ASP A 219 -21.03 -9.88 16.26
N GLY A 220 -20.34 -9.62 15.15
CA GLY A 220 -19.49 -8.44 14.98
C GLY A 220 -18.12 -8.53 15.62
N ILE A 221 -17.77 -9.70 16.23
CA ILE A 221 -16.47 -9.95 16.88
C ILE A 221 -15.51 -10.61 15.87
N PHE A 222 -14.34 -10.02 15.68
CA PHE A 222 -13.32 -10.52 14.75
C PHE A 222 -12.22 -11.32 15.46
N GLU A 223 -11.86 -12.46 14.87
CA GLU A 223 -10.73 -13.28 15.34
C GLU A 223 -9.86 -13.61 14.12
N VAL A 224 -8.55 -13.29 14.18
CA VAL A 224 -7.60 -13.59 13.11
C VAL A 224 -7.25 -15.08 13.27
N LYS A 225 -7.67 -15.93 12.31
CA LYS A 225 -7.42 -17.38 12.38
C LYS A 225 -6.08 -17.81 11.80
N ALA A 226 -5.61 -17.13 10.72
CA ALA A 226 -4.34 -17.44 10.07
C ALA A 226 -3.91 -16.29 9.20
N THR A 227 -2.59 -16.15 9.05
CA THR A 227 -1.91 -15.17 8.20
C THR A 227 -0.81 -15.92 7.48
N ALA A 228 -0.57 -15.59 6.19
CA ALA A 228 0.47 -16.18 5.35
C ALA A 228 0.72 -15.18 4.23
N GLY A 229 1.84 -15.31 3.56
CA GLY A 229 2.18 -14.40 2.47
C GLY A 229 3.53 -14.64 1.89
N ASP A 230 3.98 -13.66 1.11
CA ASP A 230 5.26 -13.74 0.44
C ASP A 230 5.82 -12.34 0.51
N THR A 231 6.93 -12.16 1.22
N THR A 231 6.94 -12.16 1.22
CA THR A 231 7.58 -10.85 1.35
CA THR A 231 7.57 -10.85 1.37
C THR A 231 8.26 -10.44 0.05
C THR A 231 8.29 -10.44 0.06
N HIS A 232 8.55 -11.41 -0.84
CA HIS A 232 9.19 -11.14 -2.14
C HIS A 232 8.23 -11.31 -3.33
N LEU A 233 7.02 -10.73 -3.24
CA LEU A 233 6.01 -10.80 -4.30
C LEU A 233 5.17 -9.54 -4.27
N GLY A 234 5.14 -8.77 -5.34
CA GLY A 234 4.34 -7.55 -5.42
C GLY A 234 4.37 -6.93 -6.81
N GLY A 235 3.64 -5.81 -6.95
CA GLY A 235 3.55 -5.05 -8.19
C GLY A 235 4.88 -4.71 -8.83
N GLU A 236 5.92 -4.39 -8.01
CA GLU A 236 7.26 -4.04 -8.51
C GLU A 236 7.92 -5.20 -9.29
N ASP A 237 7.67 -6.46 -8.88
CA ASP A 237 8.20 -7.64 -9.56
C ASP A 237 7.58 -7.81 -10.95
N PHE A 238 6.31 -7.39 -11.14
CA PHE A 238 5.67 -7.50 -12.46
C PHE A 238 6.26 -6.41 -13.39
N ASP A 239 6.59 -5.22 -12.80
CA ASP A 239 7.26 -4.11 -13.48
C ASP A 239 8.63 -4.52 -13.95
N ASN A 240 9.41 -5.21 -13.09
CA ASN A 240 10.74 -5.74 -13.41
C ASN A 240 10.70 -6.70 -14.60
N ARG A 241 9.68 -7.57 -14.66
CA ARG A 241 9.51 -8.53 -15.78
C ARG A 241 9.34 -7.80 -17.12
N LEU A 242 8.55 -6.70 -17.15
CA LEU A 242 8.35 -5.89 -18.36
C LEU A 242 9.63 -5.14 -18.76
N VAL A 243 10.36 -4.63 -17.75
CA VAL A 243 11.62 -3.91 -17.94
C VAL A 243 12.63 -4.81 -18.66
N ASN A 244 12.86 -6.02 -18.14
CA ASN A 244 13.76 -7.00 -18.74
C ASN A 244 13.34 -7.37 -20.17
N HIS A 245 12.02 -7.48 -20.43
CA HIS A 245 11.44 -7.75 -21.73
C HIS A 245 11.77 -6.64 -22.74
N PHE A 246 11.52 -5.36 -22.38
CA PHE A 246 11.78 -4.24 -23.30
C PHE A 246 13.28 -3.94 -23.51
N VAL A 247 14.13 -4.21 -22.49
CA VAL A 247 15.59 -4.08 -22.62
C VAL A 247 16.04 -5.07 -23.74
N GLU A 248 15.54 -6.32 -23.69
CA GLU A 248 15.84 -7.35 -24.71
C GLU A 248 15.33 -6.91 -26.10
N GLU A 249 14.11 -6.34 -26.15
CA GLU A 249 13.47 -5.89 -27.39
C GLU A 249 14.27 -4.79 -28.07
N PHE A 250 14.83 -3.86 -27.29
CA PHE A 250 15.67 -2.78 -27.80
C PHE A 250 16.96 -3.35 -28.37
N LYS A 251 17.54 -4.37 -27.68
CA LYS A 251 18.75 -5.09 -28.09
C LYS A 251 18.54 -5.77 -29.45
N ARG A 252 17.40 -6.46 -29.64
CA ARG A 252 17.05 -7.13 -30.90
C ARG A 252 16.87 -6.14 -32.07
N LYS A 253 16.03 -5.10 -31.87
CA LYS A 253 15.64 -4.07 -32.85
C LYS A 253 16.74 -3.06 -33.22
N HIS A 254 17.47 -2.50 -32.23
CA HIS A 254 18.49 -1.49 -32.53
C HIS A 254 19.93 -1.92 -32.27
N LYS A 255 20.15 -3.14 -31.73
CA LYS A 255 21.50 -3.69 -31.42
C LYS A 255 22.25 -2.82 -30.41
N LYS A 256 21.50 -2.30 -29.43
N LYS A 256 21.51 -2.30 -29.42
CA LYS A 256 22.02 -1.44 -28.37
CA LYS A 256 22.06 -1.46 -28.36
C LYS A 256 21.53 -1.94 -27.02
C LYS A 256 21.54 -1.91 -27.01
N ASP A 257 22.45 -2.00 -26.03
CA ASP A 257 22.14 -2.40 -24.66
C ASP A 257 21.99 -1.09 -23.87
N ILE A 258 20.77 -0.81 -23.40
CA ILE A 258 20.44 0.41 -22.68
C ILE A 258 20.60 0.30 -21.17
N SER A 259 20.70 -0.93 -20.64
CA SER A 259 20.70 -1.26 -19.20
C SER A 259 21.74 -0.52 -18.33
N GLN A 260 22.65 0.28 -18.92
CA GLN A 260 23.67 1.03 -18.17
C GLN A 260 23.36 2.55 -18.05
N ASN A 261 22.38 3.08 -18.81
CA ASN A 261 21.97 4.48 -18.68
C ASN A 261 20.76 4.45 -17.71
N LYS A 262 21.00 4.92 -16.47
CA LYS A 262 19.99 4.94 -15.42
C LYS A 262 18.75 5.69 -15.86
N ARG A 263 18.92 6.85 -16.55
CA ARG A 263 17.79 7.67 -17.01
C ARG A 263 16.90 6.90 -17.99
N ALA A 264 17.52 6.21 -18.97
CA ALA A 264 16.80 5.41 -19.96
C ALA A 264 16.06 4.24 -19.28
N VAL A 265 16.70 3.57 -18.30
CA VAL A 265 16.09 2.48 -17.54
C VAL A 265 14.88 3.00 -16.74
N ARG A 266 15.04 4.15 -16.05
CA ARG A 266 14.01 4.78 -15.26
C ARG A 266 12.82 5.18 -16.14
N ARG A 267 13.09 5.83 -17.29
CA ARG A 267 12.04 6.22 -18.24
C ARG A 267 11.32 4.96 -18.75
N LEU A 268 12.07 3.87 -19.05
CA LEU A 268 11.50 2.59 -19.45
C LEU A 268 10.58 2.00 -18.34
N ARG A 269 11.10 1.86 -17.10
CA ARG A 269 10.37 1.39 -15.91
C ARG A 269 9.08 2.21 -15.65
N THR A 270 9.15 3.57 -15.74
CA THR A 270 8.01 4.47 -15.53
C THR A 270 6.94 4.15 -16.60
N ALA A 271 7.38 4.03 -17.87
CA ALA A 271 6.48 3.69 -18.97
C ALA A 271 5.87 2.29 -18.79
N CYS A 272 6.65 1.33 -18.24
CA CYS A 272 6.21 -0.06 -18.03
C CYS A 272 5.09 -0.17 -16.97
N GLU A 273 5.28 0.47 -15.83
CA GLU A 273 4.29 0.54 -14.73
C GLU A 273 2.95 1.13 -15.25
N ARG A 274 2.99 2.16 -16.14
CA ARG A 274 1.79 2.74 -16.76
C ARG A 274 1.14 1.80 -17.78
N ALA A 275 1.96 1.06 -18.58
CA ALA A 275 1.46 0.09 -19.55
C ALA A 275 0.81 -1.06 -18.78
N LYS A 276 1.42 -1.48 -17.67
CA LYS A 276 0.90 -2.50 -16.76
C LYS A 276 -0.50 -2.12 -16.27
N ARG A 277 -0.71 -0.86 -15.88
CA ARG A 277 -2.02 -0.36 -15.44
C ARG A 277 -3.05 -0.34 -16.57
N THR A 278 -2.65 0.07 -17.79
CA THR A 278 -3.52 0.11 -18.97
C THR A 278 -4.04 -1.29 -19.31
N LEU A 279 -3.15 -2.31 -19.22
CA LEU A 279 -3.46 -3.72 -19.49
C LEU A 279 -4.50 -4.35 -18.57
N SER A 280 -4.84 -3.69 -17.44
CA SER A 280 -5.88 -4.18 -16.54
C SER A 280 -7.30 -3.90 -17.09
N SER A 281 -7.44 -2.89 -17.96
CA SER A 281 -8.72 -2.54 -18.59
C SER A 281 -8.72 -2.70 -20.14
N SER A 282 -7.53 -2.76 -20.77
CA SER A 282 -7.38 -2.94 -22.21
C SER A 282 -6.64 -4.26 -22.55
N THR A 283 -6.89 -4.83 -23.75
CA THR A 283 -6.27 -6.09 -24.22
C THR A 283 -4.87 -5.90 -24.81
N GLN A 284 -4.43 -4.63 -24.93
CA GLN A 284 -3.12 -4.23 -25.43
C GLN A 284 -2.80 -2.80 -24.97
N ALA A 285 -1.52 -2.42 -24.98
CA ALA A 285 -1.08 -1.09 -24.57
C ALA A 285 0.15 -0.66 -25.35
N SER A 286 0.20 0.62 -25.71
N SER A 286 0.20 0.64 -25.71
CA SER A 286 1.32 1.20 -26.45
CA SER A 286 1.30 1.25 -26.47
C SER A 286 2.36 1.77 -25.49
C SER A 286 2.35 1.88 -25.56
N LEU A 287 3.63 1.69 -25.90
CA LEU A 287 4.79 2.20 -25.16
C LEU A 287 5.41 3.21 -26.14
N GLU A 288 5.44 4.50 -25.78
CA GLU A 288 5.97 5.52 -26.67
C GLU A 288 6.94 6.46 -25.95
N ILE A 289 8.25 6.20 -26.08
CA ILE A 289 9.30 6.99 -25.43
C ILE A 289 10.15 7.67 -26.50
N ASP A 290 10.31 9.00 -26.41
CA ASP A 290 11.12 9.72 -27.38
C ASP A 290 12.56 9.86 -26.88
N SER A 291 13.53 9.58 -27.78
CA SER A 291 14.99 9.64 -27.54
C SER A 291 15.31 8.90 -26.22
N LEU A 292 15.06 7.58 -26.23
CA LEU A 292 15.30 6.74 -25.07
C LEU A 292 16.80 6.52 -24.85
N PHE A 293 17.57 6.29 -25.94
CA PHE A 293 18.99 6.00 -25.88
C PHE A 293 19.58 6.30 -27.24
N GLU A 294 20.66 7.09 -27.27
CA GLU A 294 21.38 7.50 -28.49
C GLU A 294 20.46 8.16 -29.53
N GLY A 295 19.55 9.02 -29.04
CA GLY A 295 18.58 9.73 -29.88
C GLY A 295 17.61 8.82 -30.63
N ILE A 296 17.44 7.56 -30.17
CA ILE A 296 16.53 6.60 -30.80
C ILE A 296 15.20 6.61 -30.03
N ASP A 297 14.10 6.79 -30.77
CA ASP A 297 12.75 6.78 -30.22
C ASP A 297 12.30 5.33 -30.05
N PHE A 298 11.69 5.03 -28.91
CA PHE A 298 11.20 3.67 -28.68
C PHE A 298 9.68 3.67 -28.64
N TYR A 299 9.08 3.31 -29.78
CA TYR A 299 7.63 3.23 -29.99
C TYR A 299 7.29 1.76 -30.21
N THR A 300 6.64 1.13 -29.23
CA THR A 300 6.30 -0.29 -29.29
C THR A 300 4.94 -0.60 -28.60
N SER A 301 4.57 -1.87 -28.52
N SER A 301 4.55 -1.88 -28.57
CA SER A 301 3.34 -2.31 -27.87
CA SER A 301 3.29 -2.34 -27.97
C SER A 301 3.54 -3.63 -27.14
C SER A 301 3.44 -3.71 -27.28
N ILE A 302 2.56 -3.97 -26.29
CA ILE A 302 2.54 -5.22 -25.52
C ILE A 302 1.09 -5.64 -25.36
N THR A 303 0.79 -6.90 -25.66
CA THR A 303 -0.56 -7.43 -25.51
C THR A 303 -0.72 -7.86 -24.06
N ARG A 304 -1.96 -7.99 -23.60
CA ARG A 304 -2.24 -8.48 -22.26
C ARG A 304 -1.79 -9.95 -22.16
N ALA A 305 -1.96 -10.75 -23.25
CA ALA A 305 -1.53 -12.15 -23.31
C ALA A 305 0.01 -12.29 -23.10
N ARG A 306 0.83 -11.40 -23.70
CA ARG A 306 2.29 -11.44 -23.54
C ARG A 306 2.67 -11.04 -22.11
N PHE A 307 2.05 -9.97 -21.57
CA PHE A 307 2.31 -9.58 -20.20
C PHE A 307 1.98 -10.70 -19.19
N GLU A 308 0.84 -11.39 -19.39
CA GLU A 308 0.36 -12.52 -18.58
C GLU A 308 1.39 -13.64 -18.67
N GLU A 309 1.94 -13.90 -19.86
CA GLU A 309 2.99 -14.92 -20.04
C GLU A 309 4.28 -14.55 -19.24
N LEU A 310 4.74 -13.29 -19.36
CA LEU A 310 5.92 -12.77 -18.67
C LEU A 310 5.88 -12.91 -17.14
N CYS A 311 4.67 -12.75 -16.53
CA CYS A 311 4.50 -12.79 -15.06
C CYS A 311 3.78 -14.04 -14.57
N SER A 312 3.58 -15.03 -15.44
CA SER A 312 2.76 -16.23 -15.16
C SER A 312 3.15 -16.98 -13.88
N ASP A 313 4.45 -17.21 -13.65
CA ASP A 313 4.95 -17.91 -12.45
C ASP A 313 4.64 -17.11 -11.17
N LEU A 314 4.82 -15.80 -11.24
CA LEU A 314 4.56 -14.89 -10.14
C LEU A 314 3.08 -14.87 -9.76
N PHE A 315 2.16 -14.78 -10.76
CA PHE A 315 0.72 -14.78 -10.47
C PHE A 315 0.27 -16.08 -9.81
N ARG A 316 0.77 -17.25 -10.31
CA ARG A 316 0.44 -18.58 -9.80
C ARG A 316 0.93 -18.79 -8.39
N SER A 317 2.09 -18.20 -8.05
CA SER A 317 2.68 -18.33 -6.72
C SER A 317 1.84 -17.67 -5.60
N THR A 318 0.83 -16.82 -5.94
CA THR A 318 -0.07 -16.23 -4.93
C THR A 318 -0.97 -17.28 -4.28
N LEU A 319 -1.15 -18.44 -4.92
CA LEU A 319 -2.03 -19.49 -4.38
C LEU A 319 -1.37 -20.35 -3.31
N GLU A 320 -0.03 -20.36 -3.22
CA GLU A 320 0.69 -21.11 -2.18
C GLU A 320 0.38 -20.56 -0.78
N PRO A 321 0.54 -19.23 -0.49
CA PRO A 321 0.14 -18.71 0.83
C PRO A 321 -1.37 -18.88 1.13
N VAL A 322 -2.25 -18.91 0.09
CA VAL A 322 -3.69 -19.17 0.24
C VAL A 322 -3.91 -20.59 0.83
N GLU A 323 -3.31 -21.63 0.21
CA GLU A 323 -3.37 -23.03 0.67
C GLU A 323 -2.74 -23.21 2.06
N LYS A 324 -1.63 -22.50 2.33
CA LYS A 324 -0.97 -22.56 3.65
C LYS A 324 -1.88 -21.95 4.74
N ALA A 325 -2.50 -20.78 4.46
CA ALA A 325 -3.41 -20.10 5.38
C ALA A 325 -4.63 -20.98 5.68
N LEU A 326 -5.21 -21.62 4.64
CA LEU A 326 -6.35 -22.53 4.77
C LEU A 326 -6.02 -23.74 5.64
N ARG A 327 -4.79 -24.31 5.51
CA ARG A 327 -4.31 -25.44 6.34
C ARG A 327 -4.15 -24.95 7.78
N ASP A 328 -3.51 -23.78 7.99
CA ASP A 328 -3.29 -23.17 9.31
C ASP A 328 -4.60 -22.83 10.05
N ALA A 329 -5.63 -22.40 9.30
CA ALA A 329 -6.96 -22.09 9.82
C ALA A 329 -7.78 -23.38 10.04
N LYS A 330 -7.28 -24.54 9.54
CA LYS A 330 -7.93 -25.86 9.62
C LYS A 330 -9.27 -25.87 8.85
N LEU A 331 -9.33 -25.10 7.76
CA LEU A 331 -10.52 -24.94 6.93
C LEU A 331 -10.31 -25.45 5.52
N ASP A 332 -11.42 -25.78 4.85
CA ASP A 332 -11.46 -26.15 3.44
C ASP A 332 -11.93 -24.92 2.67
N LYS A 333 -11.60 -24.83 1.36
CA LYS A 333 -11.94 -23.66 0.54
C LYS A 333 -13.46 -23.42 0.42
N ALA A 334 -14.26 -24.50 0.47
CA ALA A 334 -15.72 -24.43 0.42
C ALA A 334 -16.29 -23.73 1.66
N GLN A 335 -15.55 -23.79 2.79
CA GLN A 335 -15.94 -23.18 4.07
C GLN A 335 -15.74 -21.67 4.17
N ILE A 336 -15.07 -21.05 3.18
CA ILE A 336 -14.85 -19.60 3.13
C ILE A 336 -16.16 -18.99 2.63
N HIS A 337 -16.74 -18.02 3.35
CA HIS A 337 -18.01 -17.37 2.99
C HIS A 337 -17.82 -16.17 2.05
N ASP A 338 -16.75 -15.36 2.28
CA ASP A 338 -16.44 -14.15 1.52
C ASP A 338 -14.95 -14.04 1.15
N LEU A 339 -14.68 -13.52 -0.04
CA LEU A 339 -13.33 -13.27 -0.53
C LEU A 339 -13.21 -11.76 -0.77
N VAL A 340 -12.20 -11.11 -0.21
CA VAL A 340 -12.05 -9.65 -0.33
C VAL A 340 -10.70 -9.32 -0.96
N LEU A 341 -10.67 -8.41 -1.97
CA LEU A 341 -9.44 -8.00 -2.65
C LEU A 341 -8.94 -6.65 -2.11
N VAL A 342 -7.63 -6.57 -1.79
CA VAL A 342 -6.95 -5.38 -1.27
C VAL A 342 -5.63 -5.18 -2.05
N GLY A 343 -5.35 -3.94 -2.43
CA GLY A 343 -4.17 -3.58 -3.20
C GLY A 343 -4.45 -3.41 -4.69
N GLY A 344 -3.86 -2.38 -5.29
CA GLY A 344 -3.97 -2.06 -6.72
C GLY A 344 -3.63 -3.21 -7.65
N SER A 345 -2.66 -4.06 -7.26
CA SER A 345 -2.25 -5.20 -8.11
C SER A 345 -3.36 -6.25 -8.26
N THR A 346 -4.41 -6.18 -7.41
CA THR A 346 -5.54 -7.12 -7.55
C THR A 346 -6.47 -6.75 -8.72
N ARG A 347 -6.24 -5.61 -9.38
N ARG A 347 -6.21 -5.60 -9.38
CA ARG A 347 -7.04 -5.22 -10.54
CA ARG A 347 -6.96 -5.14 -10.55
C ARG A 347 -6.62 -6.05 -11.76
C ARG A 347 -6.49 -5.89 -11.82
N ILE A 348 -5.46 -6.74 -11.67
CA ILE A 348 -4.94 -7.58 -12.77
C ILE A 348 -5.94 -8.71 -13.06
N PRO A 349 -6.58 -8.73 -14.27
CA PRO A 349 -7.60 -9.76 -14.57
C PRO A 349 -7.15 -11.20 -14.38
N LYS A 350 -5.90 -11.52 -14.71
CA LYS A 350 -5.37 -12.88 -14.56
C LYS A 350 -5.28 -13.28 -13.08
N VAL A 351 -4.90 -12.33 -12.20
CA VAL A 351 -4.82 -12.56 -10.74
C VAL A 351 -6.24 -12.89 -10.25
N GLN A 352 -7.24 -12.11 -10.71
CA GLN A 352 -8.64 -12.36 -10.33
C GLN A 352 -9.11 -13.71 -10.82
N LYS A 353 -8.80 -14.06 -12.08
CA LYS A 353 -9.19 -15.33 -12.69
C LYS A 353 -8.60 -16.54 -11.94
N LEU A 354 -7.31 -16.50 -11.59
CA LEU A 354 -6.66 -17.58 -10.86
C LEU A 354 -7.29 -17.85 -9.50
N LEU A 355 -7.63 -16.79 -8.78
CA LEU A 355 -8.20 -16.91 -7.44
C LEU A 355 -9.64 -17.42 -7.46
N GLN A 356 -10.44 -16.90 -8.40
CA GLN A 356 -11.84 -17.26 -8.61
C GLN A 356 -11.91 -18.75 -8.98
N ASP A 357 -11.02 -19.22 -9.88
CA ASP A 357 -10.91 -20.62 -10.32
C ASP A 357 -10.50 -21.53 -9.15
N PHE A 358 -9.60 -21.04 -8.27
CA PHE A 358 -9.17 -21.75 -7.06
C PHE A 358 -10.36 -21.95 -6.13
N PHE A 359 -11.28 -20.96 -6.05
CA PHE A 359 -12.49 -21.04 -5.20
C PHE A 359 -13.74 -21.42 -5.99
N ASN A 360 -13.55 -22.25 -7.03
CA ASN A 360 -14.55 -22.83 -7.94
C ASN A 360 -15.64 -21.83 -8.44
N GLY A 361 -15.20 -20.70 -8.99
CA GLY A 361 -16.05 -19.69 -9.60
C GLY A 361 -16.75 -18.70 -8.69
N ARG A 362 -16.38 -18.66 -7.39
CA ARG A 362 -17.01 -17.74 -6.44
C ARG A 362 -16.78 -16.27 -6.78
N ASP A 363 -17.76 -15.40 -6.46
CA ASP A 363 -17.66 -13.96 -6.69
C ASP A 363 -16.64 -13.37 -5.72
N LEU A 364 -15.89 -12.38 -6.18
CA LEU A 364 -14.89 -11.68 -5.36
C LEU A 364 -15.42 -10.30 -5.04
N ASN A 365 -15.22 -9.83 -3.80
CA ASN A 365 -15.62 -8.48 -3.39
C ASN A 365 -14.51 -7.55 -3.86
N LYS A 366 -14.81 -6.76 -4.89
CA LYS A 366 -13.83 -5.86 -5.50
C LYS A 366 -14.49 -4.51 -5.87
N SER A 367 -15.76 -4.33 -5.48
CA SER A 367 -16.55 -3.13 -5.75
C SER A 367 -15.98 -1.87 -5.10
N ILE A 368 -15.35 -1.99 -3.93
CA ILE A 368 -14.69 -0.84 -3.30
C ILE A 368 -13.29 -0.88 -3.89
N ASN A 369 -12.78 0.23 -4.45
CA ASN A 369 -11.44 0.25 -5.06
C ASN A 369 -10.45 -0.45 -4.12
N PRO A 370 -9.74 -1.52 -4.57
CA PRO A 370 -8.83 -2.26 -3.66
C PRO A 370 -7.72 -1.43 -3.02
N ASP A 371 -7.30 -0.33 -3.65
CA ASP A 371 -6.28 0.52 -3.04
C ASP A 371 -6.90 1.47 -1.99
N GLU A 372 -8.24 1.43 -1.84
CA GLU A 372 -8.99 2.33 -0.94
C GLU A 372 -9.75 1.60 0.19
N ALA A 373 -10.00 0.27 0.05
CA ALA A 373 -10.80 -0.52 1.01
C ALA A 373 -10.40 -0.43 2.48
N VAL A 374 -9.09 -0.45 2.77
CA VAL A 374 -8.56 -0.36 4.13
C VAL A 374 -8.93 1.01 4.75
N ALA A 375 -8.64 2.13 4.06
CA ALA A 375 -8.98 3.46 4.59
C ALA A 375 -10.50 3.58 4.70
N TYR A 376 -11.27 2.94 3.80
CA TYR A 376 -12.75 3.00 3.81
C TYR A 376 -13.25 2.39 5.14
N GLY A 377 -12.77 1.21 5.50
CA GLY A 377 -13.15 0.53 6.73
C GLY A 377 -12.68 1.29 7.96
N ALA A 378 -11.46 1.88 7.90
CA ALA A 378 -10.96 2.69 9.02
C ALA A 378 -11.84 3.94 9.28
N ALA A 379 -12.39 4.58 8.20
CA ALA A 379 -13.29 5.74 8.31
C ALA A 379 -14.62 5.32 8.93
N VAL A 380 -15.15 4.14 8.52
CA VAL A 380 -16.41 3.60 9.10
C VAL A 380 -16.22 3.37 10.65
N GLN A 381 -15.09 2.77 11.03
CA GLN A 381 -14.80 2.53 12.45
C GLN A 381 -14.62 3.82 13.22
N ALA A 382 -13.93 4.83 12.63
CA ALA A 382 -13.69 6.11 13.29
C ALA A 382 -14.98 6.83 13.66
N ALA A 383 -16.00 6.79 12.78
CA ALA A 383 -17.30 7.42 13.04
C ALA A 383 -18.03 6.70 14.18
N ILE A 384 -17.91 5.35 14.25
CA ILE A 384 -18.52 4.54 15.33
C ILE A 384 -17.84 4.86 16.68
N LEU A 385 -16.50 5.01 16.68
CA LEU A 385 -15.78 5.23 17.94
C LEU A 385 -16.04 6.59 18.61
N ILE A 386 -16.44 7.64 17.85
CA ILE A 386 -16.69 8.97 18.44
C ILE A 386 -18.17 9.21 18.85
N LYS A 387 -19.06 8.22 18.66
CA LYS A 387 -20.46 8.34 19.06
C LYS A 387 -20.55 8.34 20.59
N SER A 388 -21.35 9.24 21.15
CA SER A 388 -21.51 9.36 22.61
C SER A 388 -22.99 9.52 22.98
N THR A 389 -23.84 8.71 22.34
CA THR A 389 -25.30 8.68 22.54
C THR A 389 -25.65 8.22 23.95
N ARG A 390 -26.62 8.88 24.59
CA ARG A 390 -27.09 8.53 25.93
C ARG A 390 -28.41 7.77 25.80
N ALA A 391 -28.55 6.66 26.53
CA ALA A 391 -29.72 5.80 26.50
C ALA A 391 -31.02 6.53 26.83
N ALA A 392 -32.09 6.19 26.11
CA ALA A 392 -33.42 6.74 26.34
C ALA A 392 -34.08 5.94 27.48
N ALA A 393 -35.11 6.51 28.13
CA ALA A 393 -35.83 5.84 29.23
C ALA A 393 -36.65 4.65 28.72
N SER A 394 -36.66 3.55 29.49
P PO4 B . 1.06 -2.68 3.52
O1 PO4 B . 1.26 -1.10 3.66
O2 PO4 B . -0.19 -2.95 2.66
O3 PO4 B . 0.85 -3.31 4.98
O4 PO4 B . 2.37 -3.32 2.87
C1 EDO C . 4.95 19.15 1.70
O1 EDO C . 5.04 18.77 0.33
C2 EDO C . 3.59 19.79 2.00
O2 EDO C . 2.56 18.93 1.55
C4 GBA D . -1.99 -1.58 -10.59
C5 GBA D . -3.17 -0.89 -10.88
C6 GBA D . -3.96 -1.40 -11.93
C8 GBA D . -2.33 0.08 -9.22
N1 GBA D . -3.53 -2.52 -12.56
N3 GBA D . -1.54 -2.68 -11.21
O2' GBA D . 1.61 -0.36 -10.18
C2' GBA D . 0.92 -0.21 -8.95
C3' GBA D . 1.81 -0.62 -7.77
O3' GBA D . 2.78 -1.59 -8.14
C4' GBA D . 0.82 -1.22 -6.76
C5' GBA D . 0.51 -0.38 -5.54
O5' GBA D . 1.63 -0.27 -4.66
O4' GBA D . -0.41 -1.49 -7.49
C1' GBA D . -0.18 -1.27 -8.86
N9 GBA D . -1.43 -0.92 -9.51
BR8 GBA D . -2.11 1.18 -7.73
N7 GBA D . -3.35 0.16 -10.00
C2 GBA D . -2.38 -3.07 -12.17
N6 GBA D . -5.11 -0.84 -12.33
MG MG E . -1.98 -1.72 2.17
P PO4 F . 13.40 11.84 -16.06
O1 PO4 F . 12.85 12.91 -15.06
O2 PO4 F . 15.00 11.86 -16.06
O3 PO4 F . 12.91 10.38 -15.59
O4 PO4 F . 12.85 12.14 -17.53
#